data_1M5X
#
_entry.id   1M5X
#
_cell.length_a   41.510
_cell.length_b   42.210
_cell.length_c   71.320
_cell.angle_alpha   73.34
_cell.angle_beta   73.17
_cell.angle_gamma   71.09
#
_symmetry.space_group_name_H-M   'P 1'
#
loop_
_entity.id
_entity.type
_entity.pdbx_description
1 polymer "5'-D(*GP*CP*AP*GP*AP*AP*CP*GP*TP*CP*GP*TP*GP*AP*GP*AP*CP*AP*GP*TP*TP*CP*CP*G)-3'"
2 polymer "5'-D(*CP*GP*GP*AP*AP*CP*TP*GP*TP*CP*TP*CP*AP*CP*GP*AP*CP*GP*TP*TP*CP*TP*GP*C)-3'"
3 polymer 'DNA endonuclease I-MsoI'
4 non-polymer 'CALCIUM ION'
5 water water
#
loop_
_entity_poly.entity_id
_entity_poly.type
_entity_poly.pdbx_seq_one_letter_code
_entity_poly.pdbx_strand_id
1 'polydeoxyribonucleotide'
;(DG)(DC)(DA)(DG)(DA)(DA)(DC)(DG)(DT)(DC)(DG)(DT)(DG)(DA)(DG)(DA)(DC)(DA)(DG)(DT)
(DT)(DC)(DC)(DG)
;
C
2 'polydeoxyribonucleotide'
;(DC)(DG)(DG)(DA)(DA)(DC)(DT)(DG)(DT)(DC)(DT)(DC)(DA)(DC)(DG)(DA)(DC)(DG)(DT)(DT)
(DC)(DT)(DG)(DC)
;
D
3 'polypeptide(L)'
;MTTKNTLQPTEAAYIAGFLDGDGSIYAKLIPRPDYKDIKYQVSLAISFIQRKDKFPYLQDIYDQLGKRGNLRKDRGDGIA
DYTIIGSTHLSIILPDLVPYLRIKKKQANRILHIINLYPQAQKNPSKFLDLVKIVDDVQNLNKRADELKSTNYDRLLEEF
LKAGKIESSP
;
A,B
#
# COMPACT_ATOMS: atom_id res chain seq x y z
N THR C 6 -19.55 5.38 13.65
CA THR C 6 -19.15 6.04 12.43
C THR C 6 -17.62 5.80 12.17
N LEU C 7 -17.09 6.17 10.99
CA LEU C 7 -15.68 6.00 10.66
C LEU C 7 -14.80 6.99 11.41
N GLN C 8 -13.98 6.49 12.33
CA GLN C 8 -13.12 7.37 13.12
C GLN C 8 -11.96 7.90 12.27
N PRO C 9 -11.39 9.06 12.68
CA PRO C 9 -10.27 9.72 12.00
C PRO C 9 -9.11 8.79 11.66
N THR C 10 -8.63 8.04 12.65
CA THR C 10 -7.50 7.13 12.44
C THR C 10 -7.84 5.96 11.50
N GLU C 11 -9.12 5.60 11.45
CA GLU C 11 -9.54 4.52 10.56
C GLU C 11 -9.49 5.04 9.13
N ALA C 12 -10.04 6.23 8.91
CA ALA C 12 -10.02 6.83 7.59
C ALA C 12 -8.57 7.08 7.17
N ALA C 13 -7.74 7.52 8.12
CA ALA C 13 -6.33 7.78 7.81
C ALA C 13 -5.65 6.50 7.32
N TYR C 14 -5.87 5.42 8.05
CA TYR C 14 -5.31 4.13 7.71
C TYR C 14 -5.77 3.64 6.32
N ILE C 15 -7.08 3.67 6.11
CA ILE C 15 -7.63 3.22 4.84
C ILE C 15 -7.05 4.03 3.69
N ALA C 16 -6.91 5.34 3.90
CA ALA C 16 -6.35 6.19 2.85
C ALA C 16 -4.90 5.80 2.54
N GLY C 17 -4.12 5.52 3.59
CA GLY C 17 -2.73 5.12 3.43
C GLY C 17 -2.65 3.80 2.70
N PHE C 18 -3.53 2.88 3.08
CA PHE C 18 -3.59 1.56 2.46
C PHE C 18 -4.04 1.68 1.01
N LEU C 19 -4.96 2.59 0.74
CA LEU C 19 -5.44 2.81 -0.63
C LEU C 19 -4.31 3.42 -1.47
N ASP C 20 -3.55 4.35 -0.90
CA ASP C 20 -2.42 4.97 -1.62
C ASP C 20 -1.42 3.89 -1.96
N GLY C 21 -1.42 2.82 -1.18
CA GLY C 21 -0.49 1.74 -1.39
C GLY C 21 -0.96 0.68 -2.35
N ASP C 22 -1.90 -0.16 -1.91
CA ASP C 22 -2.39 -1.26 -2.74
C ASP C 22 -3.74 -1.03 -3.39
N GLY C 23 -4.16 0.21 -3.54
CA GLY C 23 -5.45 0.47 -4.13
C GLY C 23 -5.44 1.23 -5.44
N SER C 24 -6.62 1.51 -5.96
CA SER C 24 -6.73 2.24 -7.19
C SER C 24 -7.98 3.11 -7.24
N ILE C 25 -7.85 4.30 -7.83
CA ILE C 25 -8.99 5.19 -7.98
C ILE C 25 -9.01 5.47 -9.47
N TYR C 26 -10.05 5.01 -10.16
CA TYR C 26 -10.11 5.17 -11.60
C TYR C 26 -11.52 5.41 -12.15
N ALA C 27 -11.57 5.88 -13.38
CA ALA C 27 -12.83 6.15 -14.05
C ALA C 27 -12.73 5.55 -15.45
N LYS C 28 -13.86 5.14 -16.01
CA LYS C 28 -13.84 4.57 -17.35
C LYS C 28 -15.10 4.88 -18.12
N LEU C 29 -14.94 4.85 -19.44
CA LEU C 29 -16.01 5.11 -20.37
C LEU C 29 -16.46 3.77 -20.92
N ILE C 30 -17.71 3.39 -20.63
CA ILE C 30 -18.27 2.13 -21.07
C ILE C 30 -19.25 2.29 -22.23
N PRO C 31 -18.95 1.64 -23.37
CA PRO C 31 -19.84 1.73 -24.53
C PRO C 31 -21.20 1.09 -24.19
N ARG C 32 -22.27 1.80 -24.48
CA ARG C 32 -23.61 1.28 -24.22
C ARG C 32 -24.44 1.36 -25.50
N PRO C 33 -24.44 0.28 -26.32
CA PRO C 33 -25.18 0.21 -27.58
C PRO C 33 -26.66 0.47 -27.37
N ASP C 34 -27.15 0.03 -26.22
CA ASP C 34 -28.56 0.18 -25.89
C ASP C 34 -28.89 1.62 -25.52
N TYR C 35 -27.89 2.42 -25.06
CA TYR C 35 -28.17 3.81 -24.69
C TYR C 35 -28.82 4.56 -25.88
N LYS C 36 -29.37 5.75 -25.64
CA LYS C 36 -30.15 6.42 -26.70
C LYS C 36 -29.49 7.57 -27.52
N ASP C 37 -28.52 8.31 -27.00
CA ASP C 37 -27.87 9.36 -27.82
C ASP C 37 -26.42 9.47 -27.47
N ILE C 38 -26.16 9.32 -26.18
CA ILE C 38 -24.80 9.26 -25.69
C ILE C 38 -24.60 7.80 -25.32
N LYS C 39 -24.06 7.02 -26.25
CA LYS C 39 -23.92 5.60 -26.01
C LYS C 39 -22.75 5.20 -25.14
N TYR C 40 -22.60 5.93 -24.03
CA TYR C 40 -21.54 5.67 -23.07
C TYR C 40 -22.01 5.92 -21.65
N GLN C 41 -21.40 5.21 -20.72
CA GLN C 41 -21.71 5.41 -19.31
C GLN C 41 -20.35 5.60 -18.67
N VAL C 42 -20.24 6.65 -17.87
CA VAL C 42 -18.98 6.92 -17.17
C VAL C 42 -19.08 6.15 -15.87
N SER C 43 -18.15 5.23 -15.66
CA SER C 43 -18.12 4.40 -14.45
C SER C 43 -17.02 4.91 -13.53
N LEU C 44 -17.32 4.96 -12.24
CA LEU C 44 -16.37 5.47 -11.26
C LEU C 44 -16.19 4.43 -10.18
N ALA C 45 -14.96 4.31 -9.68
CA ALA C 45 -14.70 3.34 -8.63
C ALA C 45 -13.36 3.50 -7.92
N ILE C 46 -13.25 2.89 -6.76
CA ILE C 46 -12.01 2.81 -6.03
C ILE C 46 -11.96 1.34 -5.70
N SER C 47 -10.75 0.81 -5.53
CA SER C 47 -10.63 -0.59 -5.19
C SER C 47 -9.38 -0.81 -4.37
N PHE C 48 -9.37 -1.91 -3.64
CA PHE C 48 -8.23 -2.31 -2.85
C PHE C 48 -7.93 -3.69 -3.42
N ILE C 49 -6.65 -4.02 -3.52
CA ILE C 49 -6.23 -5.32 -4.06
C ILE C 49 -5.25 -5.97 -3.10
N GLN C 50 -5.33 -7.28 -2.95
CA GLN C 50 -4.43 -7.97 -2.02
C GLN C 50 -4.40 -9.47 -2.33
N ARG C 51 -3.31 -10.14 -1.98
CA ARG C 51 -3.19 -11.57 -2.14
C ARG C 51 -4.34 -12.23 -1.35
N LYS C 52 -4.99 -13.23 -1.99
CA LYS C 52 -6.15 -13.84 -1.40
C LYS C 52 -6.01 -14.24 0.09
N ASP C 53 -4.86 -14.73 0.56
CA ASP C 53 -4.70 -15.08 1.97
C ASP C 53 -4.98 -13.89 2.88
N LYS C 54 -4.91 -12.69 2.33
CA LYS C 54 -5.14 -11.48 3.10
C LYS C 54 -6.54 -10.90 2.89
N PHE C 55 -7.43 -11.75 2.38
CA PHE C 55 -8.80 -11.34 2.13
C PHE C 55 -9.49 -10.80 3.39
N PRO C 56 -9.22 -11.39 4.57
CA PRO C 56 -9.87 -10.90 5.80
C PRO C 56 -9.68 -9.41 6.07
N TYR C 57 -8.51 -8.88 5.72
CA TYR C 57 -8.24 -7.46 5.94
C TYR C 57 -9.11 -6.59 5.03
N LEU C 58 -9.45 -7.11 3.86
CA LEU C 58 -10.32 -6.38 2.94
C LEU C 58 -11.71 -6.36 3.57
N GLN C 59 -12.13 -7.53 4.04
CA GLN C 59 -13.44 -7.65 4.68
C GLN C 59 -13.57 -6.61 5.81
N ASP C 60 -12.49 -6.41 6.55
CA ASP C 60 -12.49 -5.44 7.64
C ASP C 60 -12.68 -4.00 7.17
N ILE C 61 -12.06 -3.66 6.02
CA ILE C 61 -12.20 -2.31 5.50
C ILE C 61 -13.63 -2.16 5.01
N TYR C 62 -14.11 -3.20 4.35
CA TYR C 62 -15.48 -3.26 3.83
C TYR C 62 -16.44 -2.84 4.97
N ASP C 63 -16.35 -3.55 6.10
CA ASP C 63 -17.22 -3.25 7.24
C ASP C 63 -17.09 -1.79 7.68
N GLN C 64 -15.85 -1.32 7.82
CA GLN C 64 -15.64 0.05 8.26
C GLN C 64 -16.18 1.08 7.29
N LEU C 65 -16.36 0.69 6.02
CA LEU C 65 -16.89 1.60 5.02
C LEU C 65 -18.39 1.43 4.82
N GLY C 66 -19.05 0.83 5.81
CA GLY C 66 -20.48 0.66 5.75
C GLY C 66 -20.98 -0.51 4.92
N LYS C 67 -20.10 -1.45 4.60
CA LYS C 67 -20.47 -2.61 3.81
C LYS C 67 -20.96 -2.20 2.43
N ARG C 68 -20.30 -1.20 1.85
CA ARG C 68 -20.64 -0.71 0.53
C ARG C 68 -19.63 -1.36 -0.41
N GLY C 69 -20.07 -1.74 -1.60
CA GLY C 69 -19.12 -2.34 -2.52
C GLY C 69 -19.22 -3.84 -2.67
N ASN C 70 -18.28 -4.37 -3.45
CA ASN C 70 -18.26 -5.80 -3.76
C ASN C 70 -16.92 -6.43 -3.43
N LEU C 71 -16.95 -7.45 -2.57
CA LEU C 71 -15.74 -8.18 -2.18
C LEU C 71 -15.59 -9.38 -3.10
N ARG C 72 -14.36 -9.75 -3.40
CA ARG C 72 -14.12 -10.91 -4.25
C ARG C 72 -12.94 -11.68 -3.67
N LYS C 73 -13.24 -12.81 -3.04
CA LYS C 73 -12.23 -13.66 -2.42
C LYS C 73 -11.14 -14.08 -3.39
N ASP C 74 -11.49 -14.20 -4.67
CA ASP C 74 -10.49 -14.58 -5.66
C ASP C 74 -10.91 -14.15 -7.06
N ARG C 75 -10.10 -13.30 -7.66
CA ARG C 75 -10.39 -12.81 -9.02
C ARG C 75 -10.22 -13.95 -10.00
N GLY C 76 -9.49 -14.97 -9.56
CA GLY C 76 -9.24 -16.11 -10.41
C GLY C 76 -7.75 -16.42 -10.46
N ASP C 77 -6.92 -15.42 -10.19
CA ASP C 77 -5.46 -15.61 -10.21
C ASP C 77 -4.86 -15.64 -8.80
N GLY C 78 -5.64 -16.07 -7.82
CA GLY C 78 -5.15 -16.12 -6.45
C GLY C 78 -5.12 -14.75 -5.78
N ILE C 79 -5.62 -13.74 -6.48
CA ILE C 79 -5.66 -12.38 -5.93
C ILE C 79 -7.08 -12.03 -5.51
N ALA C 80 -7.21 -11.31 -4.40
CA ALA C 80 -8.53 -10.92 -3.94
C ALA C 80 -8.66 -9.40 -4.11
N ASP C 81 -9.88 -8.90 -4.26
CA ASP C 81 -10.08 -7.46 -4.37
C ASP C 81 -11.42 -7.00 -3.80
N TYR C 82 -11.52 -5.70 -3.58
CA TYR C 82 -12.71 -5.07 -3.03
C TYR C 82 -12.92 -3.78 -3.80
N THR C 83 -14.01 -3.74 -4.58
CA THR C 83 -14.30 -2.61 -5.44
C THR C 83 -15.60 -1.90 -5.07
N ILE C 84 -15.52 -0.58 -4.98
CA ILE C 84 -16.67 0.25 -4.65
C ILE C 84 -16.99 1.09 -5.89
N ILE C 85 -18.10 0.76 -6.52
CA ILE C 85 -18.56 1.40 -7.75
C ILE C 85 -19.73 2.38 -7.56
N GLY C 86 -19.74 3.47 -8.32
CA GLY C 86 -20.86 4.39 -8.27
C GLY C 86 -20.85 5.61 -7.38
N SER C 87 -21.48 6.67 -7.86
CA SER C 87 -21.57 7.94 -7.13
C SER C 87 -22.23 7.75 -5.76
N THR C 88 -23.23 6.87 -5.68
CA THR C 88 -23.91 6.66 -4.41
C THR C 88 -22.92 6.37 -3.29
N HIS C 89 -22.08 5.34 -3.46
CA HIS C 89 -21.11 4.99 -2.42
C HIS C 89 -19.93 5.96 -2.33
N LEU C 90 -19.42 6.36 -3.49
CA LEU C 90 -18.28 7.26 -3.52
C LEU C 90 -18.59 8.66 -2.97
N SER C 91 -19.82 9.13 -3.14
CA SER C 91 -20.14 10.47 -2.64
C SER C 91 -20.01 10.50 -1.12
N ILE C 92 -20.22 9.37 -0.48
CA ILE C 92 -20.13 9.25 0.97
C ILE C 92 -18.72 8.88 1.46
N ILE C 93 -18.07 7.97 0.74
CA ILE C 93 -16.74 7.49 1.10
C ILE C 93 -15.58 8.41 0.81
N LEU C 94 -15.44 8.85 -0.43
CA LEU C 94 -14.31 9.71 -0.77
C LEU C 94 -14.15 10.94 0.12
N PRO C 95 -15.26 11.59 0.51
CA PRO C 95 -15.09 12.78 1.36
C PRO C 95 -14.36 12.40 2.66
N ASP C 96 -14.63 11.21 3.17
CA ASP C 96 -13.99 10.74 4.40
C ASP C 96 -12.51 10.40 4.24
N LEU C 97 -12.12 10.05 3.02
CA LEU C 97 -10.73 9.67 2.78
C LEU C 97 -9.83 10.79 2.25
N VAL C 98 -10.40 11.66 1.43
CA VAL C 98 -9.65 12.75 0.81
C VAL C 98 -8.70 13.53 1.71
N PRO C 99 -9.16 13.94 2.89
CA PRO C 99 -8.21 14.69 3.72
C PRO C 99 -6.93 13.90 4.04
N TYR C 100 -7.02 12.58 4.01
CA TYR C 100 -5.86 11.73 4.33
C TYR C 100 -5.09 11.18 3.10
N LEU C 101 -5.74 11.16 1.94
CA LEU C 101 -5.06 10.67 0.73
C LEU C 101 -3.90 11.57 0.34
N ARG C 102 -2.81 10.96 -0.15
CA ARG C 102 -1.67 11.75 -0.58
C ARG C 102 -1.40 11.41 -2.05
N ILE C 103 -0.89 10.21 -2.30
CA ILE C 103 -0.58 9.80 -3.66
C ILE C 103 -1.77 9.84 -4.62
N LYS C 104 -2.93 9.38 -4.16
CA LYS C 104 -4.10 9.36 -5.03
C LYS C 104 -5.14 10.43 -4.73
N LYS C 105 -4.75 11.45 -3.97
CA LYS C 105 -5.66 12.54 -3.62
C LYS C 105 -6.23 13.23 -4.85
N LYS C 106 -5.40 13.54 -5.85
CA LYS C 106 -5.88 14.19 -7.05
C LYS C 106 -7.01 13.39 -7.70
N GLN C 107 -6.71 12.12 -7.99
CA GLN C 107 -7.68 11.23 -8.60
C GLN C 107 -9.01 11.27 -7.85
N ALA C 108 -8.93 11.31 -6.53
CA ALA C 108 -10.13 11.34 -5.69
C ALA C 108 -10.96 12.60 -5.94
N ASN C 109 -10.29 13.74 -6.05
CA ASN C 109 -10.98 14.99 -6.29
C ASN C 109 -11.60 15.01 -7.68
N ARG C 110 -10.90 14.44 -8.67
CA ARG C 110 -11.42 14.39 -10.03
C ARG C 110 -12.71 13.57 -10.05
N ILE C 111 -12.73 12.43 -9.36
CA ILE C 111 -13.93 11.60 -9.27
C ILE C 111 -15.08 12.43 -8.66
N LEU C 112 -14.79 13.14 -7.57
CA LEU C 112 -15.82 13.96 -6.95
C LEU C 112 -16.31 15.01 -7.95
N HIS C 113 -15.39 15.59 -8.71
CA HIS C 113 -15.79 16.60 -9.67
C HIS C 113 -16.77 15.95 -10.65
N ILE C 114 -16.37 14.80 -11.19
CA ILE C 114 -17.20 14.08 -12.13
C ILE C 114 -18.60 13.84 -11.55
N ILE C 115 -18.65 13.41 -10.29
CA ILE C 115 -19.95 13.15 -9.67
C ILE C 115 -20.87 14.38 -9.65
N ASN C 116 -20.32 15.55 -9.36
CA ASN C 116 -21.18 16.73 -9.33
C ASN C 116 -21.63 17.23 -10.71
N LEU C 117 -20.82 16.98 -11.73
CA LEU C 117 -21.14 17.39 -13.09
C LEU C 117 -22.08 16.45 -13.85
N TYR C 118 -22.05 15.17 -13.48
CA TYR C 118 -22.83 14.14 -14.15
C TYR C 118 -24.34 14.35 -14.35
N PRO C 119 -25.06 14.76 -13.30
CA PRO C 119 -26.51 14.96 -13.47
C PRO C 119 -26.89 15.80 -14.69
N GLN C 120 -26.18 16.92 -14.89
CA GLN C 120 -26.48 17.80 -16.02
C GLN C 120 -25.77 17.44 -17.33
N ALA C 121 -24.83 16.50 -17.25
CA ALA C 121 -24.09 16.10 -18.42
C ALA C 121 -24.68 14.85 -19.06
N GLN C 122 -25.42 14.08 -18.26
CA GLN C 122 -25.99 12.81 -18.74
C GLN C 122 -26.79 12.96 -20.02
N LYS C 123 -27.63 13.97 -20.16
CA LYS C 123 -28.31 14.12 -21.44
C LYS C 123 -28.05 15.48 -22.09
N ASN C 124 -26.77 15.73 -22.37
CA ASN C 124 -26.30 16.94 -22.98
C ASN C 124 -24.90 16.70 -23.54
N PRO C 125 -24.80 16.33 -24.82
CA PRO C 125 -23.54 16.05 -25.52
C PRO C 125 -22.36 16.96 -25.21
N SER C 126 -22.60 18.27 -25.16
CA SER C 126 -21.53 19.19 -24.91
C SER C 126 -21.03 19.15 -23.47
N LYS C 127 -21.92 18.91 -22.52
CA LYS C 127 -21.49 18.85 -21.13
C LYS C 127 -20.84 17.49 -20.88
N PHE C 128 -21.32 16.48 -21.59
CA PHE C 128 -20.78 15.14 -21.44
C PHE C 128 -19.30 15.16 -21.86
N LEU C 129 -18.96 15.90 -22.92
CA LEU C 129 -17.56 15.96 -23.37
C LEU C 129 -16.64 16.56 -22.32
N ASP C 130 -17.09 17.63 -21.66
CA ASP C 130 -16.26 18.25 -20.62
C ASP C 130 -16.03 17.24 -19.52
N LEU C 131 -17.04 16.42 -19.27
CA LEU C 131 -16.93 15.42 -18.23
C LEU C 131 -15.95 14.34 -18.69
N VAL C 132 -15.93 14.06 -19.99
CA VAL C 132 -15.03 13.04 -20.51
C VAL C 132 -13.58 13.49 -20.38
N LYS C 133 -13.36 14.80 -20.47
CA LYS C 133 -12.02 15.33 -20.31
C LYS C 133 -11.47 15.02 -18.92
N ILE C 134 -12.36 15.01 -17.93
CA ILE C 134 -11.94 14.71 -16.55
C ILE C 134 -11.67 13.22 -16.41
N VAL C 135 -12.34 12.42 -17.23
CA VAL C 135 -12.13 11.00 -17.21
C VAL C 135 -10.73 10.72 -17.73
N ASP C 136 -10.34 11.38 -18.82
CA ASP C 136 -8.99 11.19 -19.39
C ASP C 136 -7.94 11.61 -18.35
N ASP C 137 -8.18 12.74 -17.70
CA ASP C 137 -7.26 13.27 -16.70
C ASP C 137 -6.98 12.17 -15.65
N VAL C 138 -8.03 11.58 -15.12
CA VAL C 138 -7.88 10.55 -14.12
C VAL C 138 -7.12 9.34 -14.65
N GLN C 139 -7.39 8.93 -15.89
CA GLN C 139 -6.69 7.78 -16.45
C GLN C 139 -5.21 8.10 -16.67
N ASN C 140 -4.92 9.34 -17.03
CA ASN C 140 -3.54 9.77 -17.26
C ASN C 140 -2.77 9.87 -15.94
N LEU C 141 -3.44 10.38 -14.90
CA LEU C 141 -2.82 10.47 -13.57
C LEU C 141 -2.37 9.09 -13.11
N ASN C 142 -3.01 8.05 -13.65
CA ASN C 142 -2.65 6.68 -13.29
C ASN C 142 -1.67 6.05 -14.29
N LYS C 143 -1.01 6.86 -15.09
CA LYS C 143 -0.05 6.36 -16.09
C LYS C 143 1.35 6.91 -15.84
N ARG C 144 2.35 6.20 -16.35
CA ARG C 144 3.73 6.69 -16.26
C ARG C 144 3.81 7.79 -17.30
N ALA C 145 4.86 8.61 -17.25
CA ALA C 145 5.01 9.71 -18.21
C ALA C 145 5.21 9.23 -19.64
N ASP C 146 5.88 8.08 -19.82
CA ASP C 146 6.12 7.58 -21.17
C ASP C 146 5.02 6.69 -21.74
N GLU C 147 3.83 6.74 -21.16
CA GLU C 147 2.71 5.94 -21.65
C GLU C 147 1.79 6.77 -22.52
N LEU C 148 1.13 6.12 -23.47
CA LEU C 148 0.21 6.80 -24.35
C LEU C 148 -0.93 7.39 -23.53
N LYS C 149 -1.11 8.71 -23.64
CA LYS C 149 -2.16 9.39 -22.90
C LYS C 149 -3.56 8.96 -23.33
N SER C 150 -4.53 9.08 -22.43
CA SER C 150 -5.89 8.70 -22.77
C SER C 150 -6.41 9.72 -23.76
N THR C 151 -7.23 9.25 -24.69
CA THR C 151 -7.80 10.12 -25.72
C THR C 151 -9.30 9.90 -25.94
N ASN C 152 -10.05 9.83 -24.84
CA ASN C 152 -11.49 9.62 -24.92
C ASN C 152 -12.23 10.87 -25.37
N TYR C 153 -11.74 12.03 -24.94
CA TYR C 153 -12.34 13.31 -25.30
C TYR C 153 -12.23 13.53 -26.80
N ASP C 154 -11.02 13.38 -27.32
CA ASP C 154 -10.78 13.56 -28.75
C ASP C 154 -11.65 12.62 -29.58
N ARG C 155 -11.66 11.34 -29.23
CA ARG C 155 -12.45 10.36 -29.97
C ARG C 155 -13.95 10.63 -29.92
N LEU C 156 -14.47 11.00 -28.75
CA LEU C 156 -15.90 11.28 -28.64
C LEU C 156 -16.29 12.58 -29.29
N LEU C 157 -15.37 13.55 -29.29
CA LEU C 157 -15.67 14.82 -29.92
C LEU C 157 -15.92 14.57 -31.40
N GLU C 158 -15.06 13.76 -32.00
CA GLU C 158 -15.20 13.42 -33.42
C GLU C 158 -16.44 12.60 -33.65
N GLU C 159 -16.74 11.69 -32.72
CA GLU C 159 -17.92 10.85 -32.85
C GLU C 159 -19.19 11.70 -32.83
N PHE C 160 -19.23 12.65 -31.87
CA PHE C 160 -20.39 13.54 -31.70
C PHE C 160 -20.61 14.43 -32.91
N LEU C 161 -19.53 14.89 -33.53
CA LEU C 161 -19.65 15.73 -34.71
C LEU C 161 -20.17 14.88 -35.87
N LYS C 162 -19.55 13.74 -36.11
CA LYS C 162 -19.92 12.85 -37.19
C LYS C 162 -21.36 12.42 -37.07
N ALA C 163 -21.89 12.45 -35.85
CA ALA C 163 -23.27 12.03 -35.64
C ALA C 163 -24.20 13.23 -35.52
N GLY C 164 -23.67 14.42 -35.76
CA GLY C 164 -24.49 15.62 -35.68
C GLY C 164 -24.88 16.05 -34.28
N LYS C 165 -24.63 15.18 -33.30
CA LYS C 165 -24.95 15.47 -31.89
C LYS C 165 -24.48 16.86 -31.47
N ILE C 166 -23.42 17.36 -32.11
CA ILE C 166 -22.90 18.70 -31.80
C ILE C 166 -21.98 19.24 -32.88
N THR D 6 5.88 13.68 18.04
CA THR D 6 5.57 14.74 17.12
C THR D 6 4.72 14.19 15.99
N LEU D 7 4.36 12.91 16.14
CA LEU D 7 3.52 12.20 15.18
C LEU D 7 2.07 12.14 15.63
N GLN D 8 1.18 12.81 14.89
CA GLN D 8 -0.24 12.80 15.20
C GLN D 8 -0.85 11.44 14.89
N PRO D 9 -1.90 11.06 15.62
CA PRO D 9 -2.58 9.78 15.41
C PRO D 9 -2.87 9.46 13.94
N THR D 10 -3.47 10.40 13.22
CA THR D 10 -3.80 10.18 11.83
C THR D 10 -2.56 10.13 10.95
N GLU D 11 -1.47 10.73 11.41
CA GLU D 11 -0.21 10.69 10.67
C GLU D 11 0.34 9.29 10.78
N ALA D 12 0.30 8.74 11.99
CA ALA D 12 0.79 7.39 12.25
C ALA D 12 -0.13 6.37 11.58
N ALA D 13 -1.43 6.60 11.63
CA ALA D 13 -2.38 5.67 11.01
C ALA D 13 -2.18 5.63 9.50
N TYR D 14 -1.97 6.80 8.89
CA TYR D 14 -1.74 6.84 7.45
C TYR D 14 -0.50 6.02 7.09
N ILE D 15 0.60 6.33 7.77
CA ILE D 15 1.88 5.64 7.54
C ILE D 15 1.71 4.14 7.72
N ALA D 16 1.00 3.76 8.78
CA ALA D 16 0.75 2.35 9.03
C ALA D 16 0.01 1.73 7.85
N GLY D 17 -1.02 2.43 7.36
CA GLY D 17 -1.78 1.91 6.24
C GLY D 17 -0.91 1.79 4.99
N PHE D 18 -0.08 2.80 4.76
CA PHE D 18 0.81 2.81 3.61
C PHE D 18 1.82 1.66 3.70
N LEU D 19 2.43 1.51 4.87
CA LEU D 19 3.39 0.45 5.11
C LEU D 19 2.75 -0.92 4.89
N ASP D 20 1.51 -1.08 5.35
CA ASP D 20 0.81 -2.35 5.16
C ASP D 20 0.63 -2.58 3.66
N GLY D 21 0.54 -1.47 2.93
CA GLY D 21 0.34 -1.55 1.50
C GLY D 21 1.66 -1.79 0.78
N ASP D 22 2.48 -0.74 0.62
CA ASP D 22 3.74 -0.85 -0.10
C ASP D 22 5.00 -0.92 0.75
N GLY D 23 4.89 -1.29 2.02
CA GLY D 23 6.09 -1.37 2.85
C GLY D 23 6.50 -2.80 3.17
N SER D 24 7.51 -2.93 4.01
CA SER D 24 8.00 -4.23 4.42
C SER D 24 8.64 -4.16 5.79
N ILE D 25 8.39 -5.16 6.61
CA ILE D 25 8.97 -5.24 7.94
C ILE D 25 9.63 -6.61 7.97
N TYR D 26 10.97 -6.60 8.06
CA TYR D 26 11.73 -7.85 8.04
C TYR D 26 12.96 -7.88 8.94
N ALA D 27 13.44 -9.08 9.18
CA ALA D 27 14.63 -9.32 10.00
C ALA D 27 15.50 -10.34 9.24
N LYS D 28 16.82 -10.23 9.37
CA LYS D 28 17.73 -11.15 8.69
C LYS D 28 19.06 -11.28 9.42
N LEU D 29 19.84 -12.30 9.04
CA LEU D 29 21.16 -12.53 9.60
C LEU D 29 22.21 -12.04 8.60
N ILE D 30 23.13 -11.19 9.08
CA ILE D 30 24.19 -10.69 8.21
C ILE D 30 25.50 -11.32 8.65
N PRO D 31 26.17 -12.08 7.75
CA PRO D 31 27.44 -12.72 8.11
C PRO D 31 28.46 -11.63 8.43
N ARG D 32 29.18 -11.78 9.54
CA ARG D 32 30.17 -10.79 9.95
C ARG D 32 31.56 -11.41 10.11
N PRO D 33 32.37 -11.40 9.04
CA PRO D 33 33.73 -11.95 9.00
C PRO D 33 34.63 -11.49 10.15
N ASP D 34 34.48 -10.23 10.55
CA ASP D 34 35.31 -9.66 11.61
C ASP D 34 34.70 -9.67 13.00
N TYR D 35 33.58 -10.36 13.20
CA TYR D 35 32.99 -10.43 14.54
C TYR D 35 33.76 -11.45 15.34
N LYS D 36 33.65 -11.40 16.68
CA LYS D 36 34.50 -12.26 17.51
C LYS D 36 33.91 -13.50 18.22
N ASP D 37 32.68 -13.57 18.67
CA ASP D 37 32.32 -14.91 19.15
C ASP D 37 31.41 -15.48 18.11
N ILE D 38 30.32 -14.74 17.97
CA ILE D 38 29.29 -15.04 16.98
C ILE D 38 29.48 -14.17 15.73
N LYS D 39 29.72 -14.80 14.59
CA LYS D 39 29.96 -14.05 13.35
C LYS D 39 28.75 -13.65 12.51
N TYR D 40 27.71 -13.17 13.18
CA TYR D 40 26.48 -12.73 12.51
C TYR D 40 25.80 -11.66 13.35
N GLN D 41 24.96 -10.87 12.68
CA GLN D 41 24.22 -9.84 13.38
C GLN D 41 22.79 -9.90 12.89
N VAL D 42 21.85 -9.88 13.81
CA VAL D 42 20.46 -9.87 13.42
C VAL D 42 20.19 -8.41 13.03
N SER D 43 19.95 -8.18 11.74
CA SER D 43 19.68 -6.84 11.24
C SER D 43 18.16 -6.67 11.18
N LEU D 44 17.68 -5.50 11.54
CA LEU D 44 16.22 -5.25 11.56
C LEU D 44 15.87 -4.02 10.75
N ALA D 45 14.69 -4.03 10.13
CA ALA D 45 14.31 -2.88 9.35
C ALA D 45 12.86 -2.93 8.86
N ILE D 46 12.38 -1.77 8.49
CA ILE D 46 11.09 -1.58 7.88
C ILE D 46 11.47 -0.74 6.68
N SER D 47 10.73 -0.84 5.61
CA SER D 47 11.04 -0.10 4.41
C SER D 47 9.77 0.25 3.69
N PHE D 48 9.84 1.29 2.87
CA PHE D 48 8.73 1.71 2.05
C PHE D 48 9.33 1.66 0.64
N ILE D 49 8.55 1.15 -0.30
CA ILE D 49 9.00 1.03 -1.69
C ILE D 49 7.99 1.72 -2.61
N GLN D 50 8.47 2.36 -3.66
CA GLN D 50 7.56 3.03 -4.57
C GLN D 50 8.28 3.31 -5.90
N ARG D 51 7.51 3.32 -6.98
CA ARG D 51 8.03 3.62 -8.31
C ARG D 51 8.79 4.92 -8.23
N LYS D 52 10.02 4.90 -8.72
CA LYS D 52 10.89 6.06 -8.61
C LYS D 52 10.13 7.40 -8.71
N ASP D 53 9.29 7.54 -9.74
CA ASP D 53 8.57 8.80 -9.96
C ASP D 53 7.78 9.31 -8.74
N LYS D 54 7.65 8.48 -7.71
CA LYS D 54 6.90 8.88 -6.53
C LYS D 54 7.80 9.05 -5.31
N PHE D 55 9.10 9.14 -5.55
CA PHE D 55 10.08 9.31 -4.49
C PHE D 55 9.71 10.41 -3.48
N PRO D 56 9.24 11.56 -3.96
CA PRO D 56 8.87 12.65 -3.04
C PRO D 56 7.87 12.30 -1.95
N TYR D 57 7.01 11.31 -2.19
CA TYR D 57 6.06 10.94 -1.15
C TYR D 57 6.81 10.22 -0.04
N LEU D 58 7.87 9.51 -0.43
CA LEU D 58 8.69 8.81 0.55
C LEU D 58 9.45 9.85 1.35
N GLN D 59 10.01 10.84 0.66
CA GLN D 59 10.75 11.90 1.34
C GLN D 59 9.88 12.53 2.42
N ASP D 60 8.59 12.61 2.17
CA ASP D 60 7.68 13.19 3.15
C ASP D 60 7.53 12.31 4.38
N ILE D 61 7.36 11.01 4.17
CA ILE D 61 7.23 10.11 5.31
C ILE D 61 8.52 10.17 6.13
N TYR D 62 9.64 10.18 5.41
CA TYR D 62 10.97 10.26 6.01
C TYR D 62 11.03 11.42 7.00
N ASP D 63 10.54 12.58 6.57
CA ASP D 63 10.53 13.75 7.42
C ASP D 63 9.59 13.58 8.61
N GLN D 64 8.44 12.97 8.37
CA GLN D 64 7.47 12.76 9.43
C GLN D 64 7.96 11.74 10.48
N LEU D 65 8.98 10.95 10.13
CA LEU D 65 9.53 9.98 11.06
C LEU D 65 10.89 10.45 11.59
N GLY D 66 11.04 11.76 11.75
CA GLY D 66 12.28 12.32 12.27
C GLY D 66 13.48 12.19 11.37
N LYS D 67 13.25 11.96 10.08
CA LYS D 67 14.35 11.83 9.13
C LYS D 67 15.32 10.69 9.50
N ARG D 68 14.78 9.63 10.08
CA ARG D 68 15.59 8.48 10.43
C ARG D 68 15.60 7.58 9.20
N GLY D 69 16.66 6.79 9.02
CA GLY D 69 16.69 5.89 7.87
C GLY D 69 17.39 6.43 6.64
N ASN D 70 17.33 5.67 5.55
CA ASN D 70 17.99 6.04 4.31
C ASN D 70 17.07 6.03 3.10
N LEU D 71 17.15 7.09 2.29
CA LEU D 71 16.33 7.24 1.08
C LEU D 71 17.13 6.93 -0.20
N ARG D 72 16.59 6.09 -1.07
CA ARG D 72 17.24 5.79 -2.35
C ARG D 72 16.37 6.20 -3.49
N LYS D 73 16.78 7.16 -4.29
CA LYS D 73 15.88 7.55 -5.34
C LYS D 73 15.74 6.41 -6.36
N ASP D 74 16.77 5.60 -6.51
CA ASP D 74 16.69 4.49 -7.44
C ASP D 74 17.50 3.28 -7.02
N ARG D 75 16.80 2.18 -6.71
CA ARG D 75 17.47 0.95 -6.32
C ARG D 75 18.28 0.47 -7.51
N GLY D 76 18.09 1.17 -8.62
CA GLY D 76 18.76 0.85 -9.85
C GLY D 76 17.80 0.21 -10.84
N ASP D 77 16.50 0.19 -10.50
CA ASP D 77 15.56 -0.40 -11.47
C ASP D 77 14.27 0.38 -11.70
N GLY D 78 14.37 1.68 -11.51
CA GLY D 78 13.22 2.54 -11.62
C GLY D 78 12.39 2.54 -10.34
N ILE D 79 12.83 1.77 -9.35
CA ILE D 79 12.15 1.66 -8.07
C ILE D 79 12.90 2.40 -6.96
N ALA D 80 12.19 3.26 -6.24
CA ALA D 80 12.78 4.01 -5.14
C ALA D 80 12.37 3.36 -3.82
N ASP D 81 13.18 3.53 -2.78
CA ASP D 81 12.82 2.96 -1.48
C ASP D 81 13.38 3.77 -0.31
N TYR D 82 12.79 3.54 0.86
CA TYR D 82 13.16 4.23 2.09
C TYR D 82 13.27 3.16 3.17
N THR D 83 14.48 2.96 3.67
CA THR D 83 14.74 1.93 4.66
C THR D 83 15.21 2.46 6.02
N ILE D 84 14.59 1.94 7.08
CA ILE D 84 14.95 2.32 8.44
C ILE D 84 15.54 1.08 9.11
N ILE D 85 16.83 1.15 9.39
CA ILE D 85 17.57 0.04 9.98
C ILE D 85 17.99 0.27 11.43
N GLY D 86 17.89 -0.77 12.25
CA GLY D 86 18.35 -0.66 13.61
C GLY D 86 17.35 -0.49 14.74
N SER D 87 17.67 -1.11 15.86
CA SER D 87 16.83 -1.06 17.05
C SER D 87 16.67 0.37 17.57
N THR D 88 17.72 1.18 17.45
CA THR D 88 17.66 2.55 17.93
C THR D 88 16.49 3.28 17.30
N HIS D 89 16.43 3.26 15.96
CA HIS D 89 15.35 3.92 15.24
C HIS D 89 14.04 3.18 15.38
N LEU D 90 14.09 1.87 15.26
CA LEU D 90 12.87 1.08 15.33
C LEU D 90 12.26 1.02 16.73
N SER D 91 13.06 1.22 17.77
CA SER D 91 12.50 1.16 19.12
C SER D 91 11.66 2.41 19.39
N ILE D 92 11.82 3.43 18.55
CA ILE D 92 11.05 4.66 18.69
C ILE D 92 9.89 4.66 17.70
N ILE D 93 10.19 4.34 16.44
CA ILE D 93 9.20 4.32 15.37
C ILE D 93 8.08 3.27 15.49
N LEU D 94 8.44 2.00 15.66
CA LEU D 94 7.41 0.97 15.71
C LEU D 94 6.32 1.13 16.76
N PRO D 95 6.69 1.49 18.00
CA PRO D 95 5.63 1.63 19.01
C PRO D 95 4.53 2.59 18.54
N ASP D 96 4.92 3.60 17.76
CA ASP D 96 3.96 4.58 17.23
C ASP D 96 3.08 4.01 16.12
N LEU D 97 3.61 3.05 15.36
CA LEU D 97 2.86 2.46 14.27
C LEU D 97 2.06 1.22 14.62
N VAL D 98 2.54 0.45 15.60
CA VAL D 98 1.85 -0.77 15.98
C VAL D 98 0.36 -0.64 16.26
N PRO D 99 -0.07 0.43 16.93
CA PRO D 99 -1.49 0.60 17.21
C PRO D 99 -2.38 0.62 15.95
N TYR D 100 -1.79 0.99 14.82
CA TYR D 100 -2.55 1.08 13.58
C TYR D 100 -2.21 0.07 12.51
N LEU D 101 -1.11 -0.66 12.67
CA LEU D 101 -0.74 -1.67 11.68
C LEU D 101 -1.74 -2.81 11.82
N ARG D 102 -2.08 -3.43 10.70
CA ARG D 102 -3.00 -4.55 10.72
C ARG D 102 -2.28 -5.74 10.09
N ILE D 103 -2.04 -5.65 8.80
CA ILE D 103 -1.39 -6.73 8.04
C ILE D 103 -0.01 -7.12 8.58
N LYS D 104 0.86 -6.14 8.80
CA LYS D 104 2.21 -6.42 9.28
C LYS D 104 2.40 -6.19 10.79
N LYS D 105 1.29 -6.13 11.50
CA LYS D 105 1.33 -5.92 12.95
C LYS D 105 2.16 -7.00 13.65
N LYS D 106 1.93 -8.26 13.30
CA LYS D 106 2.68 -9.35 13.92
C LYS D 106 4.18 -9.16 13.71
N GLN D 107 4.57 -8.80 12.49
CA GLN D 107 5.99 -8.59 12.20
C GLN D 107 6.58 -7.46 13.04
N ALA D 108 5.84 -6.37 13.21
CA ALA D 108 6.36 -5.26 13.99
C ALA D 108 6.60 -5.68 15.45
N ASN D 109 5.66 -6.41 16.03
CA ASN D 109 5.80 -6.87 17.40
C ASN D 109 6.91 -7.90 17.58
N ARG D 110 7.14 -8.73 16.57
CA ARG D 110 8.21 -9.70 16.67
C ARG D 110 9.55 -8.98 16.61
N ILE D 111 9.61 -7.87 15.88
CA ILE D 111 10.83 -7.09 15.81
C ILE D 111 11.07 -6.38 17.15
N LEU D 112 10.02 -5.88 17.77
CA LEU D 112 10.14 -5.23 19.06
C LEU D 112 10.64 -6.26 20.08
N HIS D 113 10.16 -7.49 19.95
CA HIS D 113 10.57 -8.54 20.85
C HIS D 113 12.07 -8.80 20.70
N ILE D 114 12.52 -8.90 19.45
CA ILE D 114 13.93 -9.12 19.17
C ILE D 114 14.77 -8.00 19.79
N ILE D 115 14.28 -6.76 19.69
CA ILE D 115 15.01 -5.64 20.26
C ILE D 115 15.19 -5.80 21.78
N ASN D 116 14.15 -6.27 22.47
CA ASN D 116 14.28 -6.44 23.91
C ASN D 116 15.15 -7.62 24.38
N LEU D 117 15.30 -8.62 23.52
CA LEU D 117 16.11 -9.79 23.87
C LEU D 117 17.55 -9.71 23.38
N TYR D 118 17.81 -8.86 22.39
CA TYR D 118 19.14 -8.77 21.81
C TYR D 118 20.34 -8.54 22.72
N PRO D 119 20.25 -7.53 23.61
CA PRO D 119 21.37 -7.25 24.53
C PRO D 119 21.96 -8.49 25.19
N GLN D 120 21.10 -9.39 25.66
CA GLN D 120 21.56 -10.61 26.33
C GLN D 120 21.91 -11.75 25.37
N ALA D 121 21.32 -11.74 24.18
CA ALA D 121 21.59 -12.80 23.23
C ALA D 121 22.90 -12.55 22.50
N GLN D 122 23.34 -11.30 22.51
CA GLN D 122 24.58 -10.87 21.87
C GLN D 122 25.77 -11.82 22.07
N LYS D 123 26.12 -12.07 23.34
CA LYS D 123 27.26 -12.92 23.61
C LYS D 123 26.88 -14.25 24.31
N ASN D 124 25.80 -14.83 23.89
CA ASN D 124 25.33 -16.10 24.44
C ASN D 124 24.80 -16.93 23.27
N PRO D 125 25.64 -17.82 22.72
CA PRO D 125 25.25 -18.68 21.60
C PRO D 125 23.86 -19.27 21.77
N SER D 126 23.58 -19.80 22.95
CA SER D 126 22.28 -20.40 23.24
C SER D 126 21.14 -19.40 23.12
N LYS D 127 21.32 -18.20 23.67
CA LYS D 127 20.28 -17.19 23.60
C LYS D 127 20.20 -16.66 22.18
N PHE D 128 21.35 -16.51 21.55
CA PHE D 128 21.39 -16.00 20.19
C PHE D 128 20.53 -16.89 19.29
N LEU D 129 20.58 -18.19 19.51
CA LEU D 129 19.79 -19.13 18.72
C LEU D 129 18.29 -18.91 18.94
N ASP D 130 17.89 -18.77 20.20
CA ASP D 130 16.49 -18.54 20.53
C ASP D 130 16.00 -17.30 19.81
N LEU D 131 16.82 -16.27 19.81
CA LEU D 131 16.48 -15.03 19.15
C LEU D 131 16.38 -15.30 17.64
N VAL D 132 17.27 -16.14 17.11
CA VAL D 132 17.24 -16.45 15.69
C VAL D 132 15.93 -17.13 15.32
N LYS D 133 15.39 -17.94 16.24
CA LYS D 133 14.12 -18.60 15.99
C LYS D 133 13.07 -17.54 15.67
N ILE D 134 13.08 -16.45 16.44
CA ILE D 134 12.11 -15.38 16.22
C ILE D 134 12.38 -14.71 14.87
N VAL D 135 13.63 -14.76 14.41
CA VAL D 135 13.94 -14.17 13.12
C VAL D 135 13.26 -15.04 12.07
N ASP D 136 13.34 -16.36 12.27
CA ASP D 136 12.69 -17.28 11.33
C ASP D 136 11.18 -17.03 11.31
N ASP D 137 10.60 -16.77 12.47
CA ASP D 137 9.15 -16.52 12.54
C ASP D 137 8.74 -15.33 11.68
N VAL D 138 9.49 -14.23 11.82
CA VAL D 138 9.21 -13.04 11.05
C VAL D 138 9.34 -13.28 9.56
N GLN D 139 10.34 -14.06 9.17
CA GLN D 139 10.54 -14.33 7.76
C GLN D 139 9.42 -15.22 7.25
N ASN D 140 8.93 -16.10 8.13
CA ASN D 140 7.84 -17.01 7.76
C ASN D 140 6.55 -16.22 7.60
N LEU D 141 6.35 -15.25 8.49
CA LEU D 141 5.17 -14.40 8.43
C LEU D 141 5.14 -13.70 7.08
N ASN D 142 6.32 -13.42 6.52
CA ASN D 142 6.41 -12.73 5.23
C ASN D 142 6.42 -13.70 4.03
N LYS D 143 5.89 -14.90 4.23
CA LYS D 143 5.85 -15.89 3.17
C LYS D 143 4.43 -16.39 2.96
N ARG D 144 4.21 -17.06 1.83
CA ARG D 144 2.91 -17.65 1.56
C ARG D 144 2.97 -18.96 2.34
N ALA D 145 1.86 -19.66 2.48
CA ALA D 145 1.88 -20.91 3.23
C ALA D 145 2.56 -22.05 2.47
N ASP D 146 2.61 -21.95 1.15
CA ASP D 146 3.21 -22.99 0.31
C ASP D 146 4.71 -22.83 0.07
N GLU D 147 5.34 -21.93 0.81
CA GLU D 147 6.78 -21.71 0.61
C GLU D 147 7.67 -22.33 1.68
N LEU D 148 8.93 -22.55 1.31
CA LEU D 148 9.93 -23.11 2.20
C LEU D 148 10.12 -22.18 3.39
N LYS D 149 9.96 -22.72 4.59
CA LYS D 149 10.11 -21.93 5.81
C LYS D 149 11.60 -21.68 6.06
N SER D 150 11.92 -20.50 6.58
CA SER D 150 13.31 -20.13 6.84
C SER D 150 14.05 -21.16 7.69
N THR D 151 15.35 -21.29 7.41
CA THR D 151 16.22 -22.26 8.09
C THR D 151 17.41 -21.62 8.82
N ASN D 152 17.26 -20.36 9.24
CA ASN D 152 18.34 -19.67 9.94
C ASN D 152 18.66 -20.36 11.26
N TYR D 153 17.63 -20.88 11.92
CA TYR D 153 17.84 -21.56 13.19
C TYR D 153 18.58 -22.89 13.01
N ASP D 154 18.09 -23.73 12.10
CA ASP D 154 18.71 -25.03 11.85
C ASP D 154 20.15 -24.91 11.37
N ARG D 155 20.41 -23.99 10.43
CA ARG D 155 21.76 -23.81 9.91
C ARG D 155 22.72 -23.19 10.92
N LEU D 156 22.20 -22.28 11.74
CA LEU D 156 23.06 -21.65 12.75
C LEU D 156 23.38 -22.64 13.86
N LEU D 157 22.41 -23.48 14.23
CA LEU D 157 22.65 -24.47 15.28
C LEU D 157 23.74 -25.43 14.81
N GLU D 158 23.63 -25.89 13.55
CA GLU D 158 24.63 -26.82 13.04
C GLU D 158 25.99 -26.15 13.03
N GLU D 159 26.04 -24.84 12.71
CA GLU D 159 27.32 -24.14 12.72
C GLU D 159 27.88 -24.06 14.13
N PHE D 160 27.03 -23.70 15.08
CA PHE D 160 27.44 -23.58 16.47
C PHE D 160 27.96 -24.87 17.10
N LEU D 161 27.28 -25.99 16.82
CA LEU D 161 27.72 -27.27 17.37
C LEU D 161 29.07 -27.62 16.75
N LYS D 162 29.11 -27.55 15.43
CA LYS D 162 30.30 -27.85 14.66
C LYS D 162 31.49 -26.97 15.04
N ALA D 163 31.19 -25.82 15.66
CA ALA D 163 32.25 -24.91 16.07
C ALA D 163 32.48 -24.96 17.58
N GLY D 164 31.84 -25.93 18.24
CA GLY D 164 31.99 -26.08 19.67
C GLY D 164 31.57 -24.89 20.50
N LYS D 165 30.66 -24.06 19.97
CA LYS D 165 30.17 -22.89 20.69
C LYS D 165 29.02 -23.26 21.62
N ILE D 166 28.47 -24.45 21.39
CA ILE D 166 27.38 -25.00 22.19
C ILE D 166 27.44 -26.52 22.20
#